data_5MDI
#
_entry.id   5MDI
#
_cell.length_a   89.518
_cell.length_b   89.518
_cell.length_c   49.153
_cell.angle_alpha   90.00
_cell.angle_beta   90.00
_cell.angle_gamma   120.00
#
_symmetry.space_group_name_H-M   'P 63'
#
loop_
_entity.id
_entity.type
_entity.pdbx_description
1 polymer 'TAR DNA-binding protein 43'
2 non-polymer 'ACETATE ION'
3 water water
#
_entity_poly.entity_id   1
_entity_poly.type   'polypeptide(L)'
_entity_poly.pdbx_seq_one_letter_code
;MGSSHHHHHHSSGLVPRGSHMASSEYIRVTEDENDEPIEIPSEDDGTVLLSTVTAQFPGA(CAF)GLRYRNPVSQ(CAF)
MRGVRLVEGILHAPDAGWGNLVYVVNYPKD
;
_entity_poly.pdbx_strand_id   A,B
#
# COMPACT_ATOMS: atom_id res chain seq x y z
N SER A 24 -9.34 10.85 16.68
CA SER A 24 -8.30 11.12 17.72
C SER A 24 -8.04 9.84 18.60
N GLU A 25 -7.66 8.75 17.91
CA GLU A 25 -7.26 7.48 18.47
C GLU A 25 -5.69 7.32 18.57
N TYR A 26 -5.23 6.13 18.99
CA TYR A 26 -3.88 5.67 18.92
C TYR A 26 -3.87 4.50 17.98
N ILE A 27 -2.85 4.34 17.17
CA ILE A 27 -2.78 3.12 16.38
C ILE A 27 -1.61 2.31 16.87
N ARG A 28 -1.66 1.01 16.70
CA ARG A 28 -0.49 0.19 17.08
C ARG A 28 0.49 0.02 15.98
N VAL A 29 1.78 0.28 16.28
CA VAL A 29 2.76 0.29 15.32
C VAL A 29 3.89 -0.49 15.83
N THR A 30 4.56 -1.20 14.94
CA THR A 30 5.71 -2.07 15.28
C THR A 30 6.68 -2.12 14.12
N GLU A 31 7.91 -2.42 14.39
CA GLU A 31 8.80 -2.73 13.26
C GLU A 31 8.94 -4.23 12.93
N ASP A 32 8.36 -5.11 13.71
CA ASP A 32 8.36 -6.49 13.42
C ASP A 32 7.13 -7.06 14.05
N GLU A 33 6.38 -7.76 13.25
CA GLU A 33 5.18 -8.44 13.67
C GLU A 33 5.24 -9.27 14.89
N ASN A 34 6.36 -9.83 15.24
CA ASN A 34 6.43 -10.52 16.55
C ASN A 34 6.53 -9.64 17.74
N ASP A 35 7.15 -8.47 17.54
CA ASP A 35 7.43 -7.54 18.67
C ASP A 35 6.17 -6.88 19.11
N GLU A 36 6.10 -6.53 20.39
CA GLU A 36 4.94 -5.89 20.93
C GLU A 36 4.90 -4.46 20.40
N PRO A 37 3.77 -3.99 19.96
CA PRO A 37 3.81 -2.72 19.29
C PRO A 37 3.75 -1.57 20.34
N ILE A 38 3.82 -0.38 19.84
CA ILE A 38 3.64 0.82 20.63
C ILE A 38 2.51 1.56 20.03
N GLU A 39 1.79 2.28 20.81
CA GLU A 39 0.70 3.04 20.34
C GLU A 39 1.21 4.47 20.02
N ILE A 40 0.77 5.01 18.88
CA ILE A 40 1.12 6.34 18.51
C ILE A 40 -0.14 7.16 18.21
N PRO A 41 -0.13 8.42 18.55
CA PRO A 41 -1.35 9.18 18.49
C PRO A 41 -1.68 9.56 17.07
N SER A 42 -2.95 9.54 16.76
CA SER A 42 -3.44 10.12 15.52
C SER A 42 -3.70 11.64 15.67
N GLU A 43 -4.05 12.25 14.56
CA GLU A 43 -4.49 13.65 14.47
C GLU A 43 -5.99 13.66 14.84
N ASP A 44 -6.52 14.84 15.08
CA ASP A 44 -7.92 14.94 15.41
C ASP A 44 -8.82 14.54 14.31
N ASP A 45 -8.31 14.50 13.10
CA ASP A 45 -9.10 14.05 12.01
C ASP A 45 -8.93 12.58 11.76
N GLY A 46 -8.28 11.81 12.61
CA GLY A 46 -8.20 10.37 12.28
C GLY A 46 -7.07 9.98 11.36
N THR A 47 -6.40 10.95 10.75
CA THR A 47 -5.11 10.66 10.09
C THR A 47 -3.92 10.43 11.10
N VAL A 48 -2.80 9.91 10.60
CA VAL A 48 -1.61 9.80 11.36
C VAL A 48 -0.48 10.45 10.57
N LEU A 49 0.27 11.35 11.21
CA LEU A 49 1.40 11.94 10.59
C LEU A 49 2.54 10.96 10.54
N LEU A 50 3.21 10.91 9.39
CA LEU A 50 4.45 10.15 9.27
C LEU A 50 5.45 10.59 10.25
N SER A 51 5.52 11.89 10.53
CA SER A 51 6.41 12.38 11.61
C SER A 51 6.14 11.83 12.96
N THR A 52 4.86 11.53 13.25
CA THR A 52 4.57 10.91 14.48
C THR A 52 5.18 9.47 14.58
N VAL A 53 5.28 8.82 13.43
CA VAL A 53 5.87 7.53 13.39
C VAL A 53 7.34 7.62 13.46
N THR A 54 7.94 8.52 12.67
CA THR A 54 9.36 8.60 12.64
C THR A 54 9.94 9.11 13.92
N ALA A 55 9.14 9.69 14.80
CA ALA A 55 9.68 10.09 16.12
C ALA A 55 9.85 8.90 16.99
N GLN A 56 9.10 7.84 16.75
CA GLN A 56 9.37 6.58 17.48
C GLN A 56 10.18 5.59 16.61
N PHE A 57 10.17 5.80 15.27
CA PHE A 57 10.83 4.89 14.35
C PHE A 57 11.63 5.62 13.30
N PRO A 58 12.75 6.18 13.69
CA PRO A 58 13.43 7.06 12.77
C PRO A 58 13.86 6.24 11.53
N GLY A 59 13.73 6.90 10.37
CA GLY A 59 13.85 6.27 9.08
C GLY A 59 12.59 5.78 8.39
N ALA A 60 11.52 5.67 9.10
CA ALA A 60 10.39 4.95 8.64
C ALA A 60 9.83 5.77 7.52
N GLY A 62 6.83 4.58 5.75
CA GLY A 62 5.44 4.21 5.56
C GLY A 62 4.99 3.10 6.51
N LEU A 63 3.78 2.62 6.24
CA LEU A 63 3.23 1.46 6.96
C LEU A 63 2.55 0.44 6.05
N ARG A 64 2.53 -0.80 6.55
CA ARG A 64 1.71 -1.81 5.97
C ARG A 64 1.09 -2.63 7.17
N TYR A 65 0.15 -3.51 6.89
CA TYR A 65 -0.49 -4.32 7.90
C TYR A 65 -0.98 -5.63 7.28
N ARG A 66 -1.08 -6.67 8.12
CA ARG A 66 -1.52 -7.96 7.66
C ARG A 66 -3.00 -7.97 7.51
N ASN A 67 -3.53 -8.05 6.27
CA ASN A 67 -4.98 -8.08 6.06
C ASN A 67 -5.53 -9.38 6.72
N PRO A 68 -6.54 -9.29 7.65
CA PRO A 68 -6.89 -10.54 8.36
C PRO A 68 -7.69 -11.47 7.60
N VAL A 69 -8.26 -10.98 6.51
CA VAL A 69 -9.09 -11.86 5.64
C VAL A 69 -8.23 -12.70 4.64
N SER A 70 -7.11 -12.19 4.21
CA SER A 70 -6.27 -12.81 3.21
C SER A 70 -4.96 -13.28 3.79
N GLN A 71 -4.60 -12.72 4.95
CA GLN A 71 -3.30 -12.84 5.53
C GLN A 71 -2.16 -12.35 4.60
N MET A 73 0.03 -8.94 3.31
CA MET A 73 0.28 -7.56 3.68
C MET A 73 -0.49 -6.61 2.79
N ARG A 74 -0.85 -5.46 3.36
CA ARG A 74 -1.59 -4.47 2.70
C ARG A 74 -0.96 -3.12 2.98
N GLY A 75 -0.76 -2.27 1.94
CA GLY A 75 -0.15 -0.97 2.19
C GLY A 75 -1.13 0.06 2.70
N VAL A 76 -0.61 0.97 3.50
CA VAL A 76 -1.33 2.17 3.96
C VAL A 76 -1.01 3.35 3.04
N ARG A 77 -2.00 4.13 2.82
CA ARG A 77 -1.84 5.29 1.95
C ARG A 77 -1.11 6.35 2.71
N LEU A 78 -0.12 6.96 2.05
CA LEU A 78 0.68 8.05 2.52
C LEU A 78 0.65 9.09 1.39
N VAL A 79 0.23 10.35 1.66
CA VAL A 79 0.26 11.44 0.75
C VAL A 79 0.66 12.64 1.54
N GLU A 80 1.83 13.22 1.19
CA GLU A 80 2.34 14.48 1.75
C GLU A 80 2.65 14.33 3.20
N GLY A 81 3.35 13.28 3.58
CA GLY A 81 3.65 13.10 4.99
C GLY A 81 2.45 12.68 5.88
N ILE A 82 1.24 12.57 5.36
CA ILE A 82 0.08 12.12 6.06
C ILE A 82 -0.39 10.66 5.74
N LEU A 83 -0.39 9.79 6.74
CA LEU A 83 -1.03 8.38 6.66
C LEU A 83 -2.50 8.37 6.85
N HIS A 84 -3.17 7.64 6.03
CA HIS A 84 -4.62 7.55 6.03
C HIS A 84 -5.07 6.16 6.30
N ALA A 85 -6.13 6.12 7.08
CA ALA A 85 -6.61 4.87 7.59
C ALA A 85 -7.22 4.05 6.45
N PRO A 86 -7.23 2.73 6.59
CA PRO A 86 -7.98 1.82 5.74
C PRO A 86 -9.38 2.30 5.80
N ASP A 87 -10.22 1.93 4.83
CA ASP A 87 -11.62 2.41 4.78
C ASP A 87 -12.44 2.14 6.06
N ALA A 88 -12.27 0.93 6.62
CA ALA A 88 -12.89 0.51 7.88
C ALA A 88 -12.46 1.40 9.12
N GLY A 89 -11.25 1.97 9.10
CA GLY A 89 -10.63 2.68 10.17
C GLY A 89 -9.31 1.97 10.48
N TRP A 90 -8.54 2.51 11.43
CA TRP A 90 -7.32 1.82 11.79
C TRP A 90 -7.59 0.56 12.59
N GLY A 91 -8.64 0.58 13.36
CA GLY A 91 -8.96 -0.43 14.45
C GLY A 91 -7.83 -0.77 15.42
N ASN A 92 -7.74 -2.04 15.80
CA ASN A 92 -6.73 -2.57 16.70
C ASN A 92 -5.74 -3.40 15.96
N LEU A 93 -5.63 -3.28 14.67
CA LEU A 93 -4.62 -4.01 13.94
C LEU A 93 -3.23 -3.44 14.22
N VAL A 94 -2.26 -4.27 14.00
CA VAL A 94 -0.89 -3.92 14.12
C VAL A 94 -0.26 -3.49 12.73
N TYR A 95 0.20 -2.25 12.70
CA TYR A 95 0.79 -1.57 11.53
C TYR A 95 2.31 -1.71 11.66
N VAL A 96 2.93 -2.21 10.61
CA VAL A 96 4.33 -2.54 10.59
C VAL A 96 4.98 -1.48 9.83
N VAL A 97 6.09 -0.99 10.36
CA VAL A 97 6.70 0.22 9.69
C VAL A 97 7.50 -0.20 8.46
N ASN A 98 7.46 0.63 7.41
CA ASN A 98 8.31 0.37 6.29
C ASN A 98 9.56 1.21 6.45
N TYR A 99 10.72 0.65 6.09
CA TYR A 99 11.95 1.38 5.87
C TYR A 99 12.44 1.28 4.37
N PRO A 100 13.17 2.29 3.89
CA PRO A 100 13.61 2.25 2.46
C PRO A 100 14.77 1.24 2.24
N LYS A 101 15.07 0.89 0.96
CA LYS A 101 16.41 0.35 0.39
C LYS A 101 17.02 -0.86 1.08
N SER B 23 -15.81 -3.40 -9.38
CA SER B 23 -14.33 -3.02 -9.29
C SER B 23 -13.62 -3.69 -8.09
N SER B 24 -12.27 -3.70 -8.10
CA SER B 24 -11.54 -4.34 -7.00
C SER B 24 -11.35 -3.40 -5.79
N GLU B 25 -11.46 -3.93 -4.58
CA GLU B 25 -11.08 -3.15 -3.39
C GLU B 25 -9.51 -2.95 -3.27
N TYR B 26 -8.71 -3.74 -3.95
CA TYR B 26 -7.23 -3.59 -3.90
C TYR B 26 -6.60 -4.36 -5.04
N ILE B 27 -5.30 -4.18 -5.29
CA ILE B 27 -4.61 -5.00 -6.28
C ILE B 27 -3.37 -5.55 -5.70
N ARG B 28 -2.92 -6.67 -6.22
CA ARG B 28 -1.69 -7.24 -5.76
C ARG B 28 -0.51 -6.64 -6.50
N VAL B 29 0.46 -6.07 -5.80
CA VAL B 29 1.64 -5.57 -6.41
C VAL B 29 2.92 -6.12 -5.85
N THR B 30 3.90 -6.36 -6.77
CA THR B 30 5.25 -6.93 -6.41
C THR B 30 6.33 -6.26 -7.27
N GLU B 31 7.53 -6.29 -6.76
CA GLU B 31 8.73 -5.86 -7.45
C GLU B 31 9.26 -6.94 -8.37
N ASP B 32 9.29 -8.17 -7.90
CA ASP B 32 9.83 -9.28 -8.69
C ASP B 32 8.70 -10.34 -8.77
N GLU B 33 8.58 -10.96 -9.94
CA GLU B 33 7.54 -11.95 -10.21
C GLU B 33 7.59 -13.22 -9.33
N ASN B 34 8.66 -13.51 -8.59
CA ASN B 34 8.60 -14.56 -7.54
C ASN B 34 8.88 -14.00 -6.14
N ASP B 35 8.56 -12.73 -5.97
CA ASP B 35 8.47 -12.11 -4.65
C ASP B 35 6.96 -12.03 -4.29
N GLU B 36 6.70 -12.16 -2.96
CA GLU B 36 5.34 -12.11 -2.34
C GLU B 36 4.74 -10.78 -2.59
N PRO B 37 3.67 -10.76 -3.31
CA PRO B 37 3.07 -9.41 -3.49
C PRO B 37 2.48 -8.74 -2.15
N ILE B 38 2.24 -7.45 -2.23
CA ILE B 38 1.57 -6.70 -1.30
C ILE B 38 0.24 -6.17 -1.87
N GLU B 39 -0.80 -6.16 -1.04
CA GLU B 39 -2.11 -5.50 -1.47
C GLU B 39 -2.07 -3.98 -1.42
N ILE B 40 -2.53 -3.32 -2.48
CA ILE B 40 -2.52 -1.94 -2.67
C ILE B 40 -3.98 -1.55 -2.86
N PRO B 41 -4.48 -0.63 -2.04
CA PRO B 41 -5.87 -0.36 -2.09
C PRO B 41 -6.26 0.56 -3.26
N SER B 42 -7.45 0.33 -3.76
CA SER B 42 -7.92 1.08 -4.82
C SER B 42 -8.80 2.19 -4.29
N GLU B 43 -9.28 3.04 -5.18
CA GLU B 43 -10.14 4.16 -4.85
C GLU B 43 -11.56 3.78 -5.01
N ASP B 44 -12.38 4.76 -4.71
CA ASP B 44 -13.76 4.54 -4.80
C ASP B 44 -14.21 4.29 -6.19
N ASP B 45 -13.69 5.06 -7.13
CA ASP B 45 -14.08 4.83 -8.50
C ASP B 45 -13.37 3.56 -9.11
N GLY B 46 -12.62 2.74 -8.39
CA GLY B 46 -12.08 1.53 -9.04
C GLY B 46 -10.66 1.67 -9.64
N THR B 47 -10.15 2.90 -9.69
CA THR B 47 -8.79 3.13 -10.11
C THR B 47 -7.83 2.96 -8.96
N VAL B 48 -6.52 3.05 -9.23
CA VAL B 48 -5.52 2.93 -8.20
C VAL B 48 -4.61 4.06 -8.39
N LEU B 49 -4.26 4.76 -7.31
CA LEU B 49 -3.38 5.91 -7.44
C LEU B 49 -1.93 5.43 -7.47
N LEU B 50 -1.16 5.99 -8.36
CA LEU B 50 0.27 5.72 -8.35
C LEU B 50 0.89 6.00 -7.03
N SER B 51 0.50 7.14 -6.38
CA SER B 51 0.93 7.46 -5.03
C SER B 51 0.66 6.31 -4.00
N THR B 52 -0.42 5.55 -4.13
CA THR B 52 -0.63 4.39 -3.27
C THR B 52 0.43 3.25 -3.51
N VAL B 53 0.79 3.04 -4.80
CA VAL B 53 1.92 2.15 -5.12
C VAL B 53 3.29 2.66 -4.64
N THR B 54 3.60 3.93 -4.91
CA THR B 54 4.93 4.40 -4.50
C THR B 54 5.09 4.52 -2.99
N ALA B 55 3.98 4.58 -2.25
CA ALA B 55 4.08 4.55 -0.79
C ALA B 55 4.75 3.25 -0.34
N GLN B 56 4.57 2.21 -1.15
CA GLN B 56 5.15 0.90 -0.78
C GLN B 56 6.37 0.62 -1.67
N PHE B 57 6.45 1.28 -2.85
CA PHE B 57 7.57 0.97 -3.85
C PHE B 57 8.13 2.28 -4.31
N PRO B 58 8.97 2.94 -3.45
CA PRO B 58 9.23 4.31 -3.78
C PRO B 58 10.00 4.30 -5.15
N GLY B 59 9.69 5.30 -5.97
CA GLY B 59 10.20 5.44 -7.34
C GLY B 59 9.39 4.69 -8.41
N ALA B 60 8.60 3.67 -8.09
CA ALA B 60 7.86 3.01 -9.17
C ALA B 60 7.21 4.05 -10.09
N GLY B 62 5.07 2.84 -12.98
CA GLY B 62 3.87 2.24 -13.57
C GLY B 62 3.80 0.82 -13.13
N LEU B 63 2.96 0.11 -13.83
CA LEU B 63 2.74 -1.33 -13.58
C LEU B 63 2.64 -2.06 -14.87
N ARG B 64 2.94 -3.35 -14.83
CA ARG B 64 2.59 -4.18 -15.90
C ARG B 64 2.22 -5.56 -15.35
N TYR B 65 1.67 -6.42 -16.16
CA TYR B 65 1.25 -7.74 -15.65
C TYR B 65 1.43 -8.73 -16.72
N ARG B 66 1.65 -9.97 -16.34
CA ARG B 66 1.64 -11.04 -17.30
C ARG B 66 0.26 -11.43 -17.80
N ASN B 67 0.03 -11.35 -19.07
CA ASN B 67 -1.23 -11.77 -19.64
C ASN B 67 -1.35 -13.33 -19.51
N PRO B 68 -2.44 -13.85 -18.84
CA PRO B 68 -2.44 -15.27 -18.53
C PRO B 68 -2.38 -16.11 -19.73
N VAL B 69 -2.94 -15.67 -20.88
CA VAL B 69 -2.95 -16.50 -22.14
C VAL B 69 -1.60 -16.38 -22.85
N SER B 70 -1.24 -15.16 -23.33
CA SER B 70 -0.05 -14.96 -24.19
C SER B 70 1.28 -15.14 -23.43
N GLN B 71 1.22 -14.84 -22.15
CA GLN B 71 2.38 -14.80 -21.30
C GLN B 71 3.30 -13.60 -21.65
N MET B 73 4.25 -9.71 -21.12
CA MET B 73 3.89 -8.63 -20.27
C MET B 73 2.98 -7.61 -20.93
N ARG B 74 2.11 -6.99 -20.13
CA ARG B 74 1.18 -5.97 -20.58
C ARG B 74 1.26 -4.80 -19.74
N GLY B 75 1.14 -3.62 -20.35
CA GLY B 75 1.22 -2.33 -19.65
C GLY B 75 -0.13 -1.91 -19.08
N VAL B 76 -0.07 -1.35 -17.86
CA VAL B 76 -1.28 -0.82 -17.23
C VAL B 76 -1.39 0.64 -17.63
N ARG B 77 -2.60 1.07 -17.96
CA ARG B 77 -2.74 2.51 -18.40
C ARG B 77 -2.60 3.45 -17.17
N LEU B 78 -1.78 4.47 -17.34
CA LEU B 78 -1.44 5.40 -16.36
C LEU B 78 -1.63 6.79 -16.99
N VAL B 79 -2.51 7.63 -16.41
CA VAL B 79 -2.83 8.95 -16.92
C VAL B 79 -2.90 9.88 -15.70
N GLU B 80 -2.09 10.92 -15.66
CA GLU B 80 -2.03 11.92 -14.57
C GLU B 80 -1.96 11.24 -13.17
N GLY B 81 -1.02 10.34 -12.99
CA GLY B 81 -0.89 9.63 -11.74
C GLY B 81 -1.98 8.66 -11.32
N ILE B 82 -2.96 8.38 -12.20
CA ILE B 82 -3.99 7.41 -11.90
C ILE B 82 -3.86 6.13 -12.82
N LEU B 83 -3.88 4.95 -12.20
CA LEU B 83 -3.80 3.72 -12.96
C LEU B 83 -5.15 3.26 -13.19
N HIS B 84 -5.40 2.78 -14.41
CA HIS B 84 -6.69 2.23 -14.78
C HIS B 84 -6.63 0.74 -15.05
N ALA B 85 -7.65 0.05 -14.58
CA ALA B 85 -7.72 -1.38 -14.72
C ALA B 85 -7.73 -1.84 -16.20
N PRO B 86 -7.22 -3.04 -16.51
CA PRO B 86 -7.50 -3.62 -17.77
C PRO B 86 -9.02 -3.68 -17.98
N ASP B 87 -9.42 -3.82 -19.24
CA ASP B 87 -10.77 -4.01 -19.61
C ASP B 87 -11.47 -5.11 -18.87
N ALA B 88 -10.86 -6.31 -18.81
CA ALA B 88 -11.45 -7.36 -17.94
C ALA B 88 -11.61 -7.07 -16.43
N GLY B 89 -11.23 -5.90 -15.95
CA GLY B 89 -11.01 -5.66 -14.50
C GLY B 89 -9.58 -5.90 -14.03
N TRP B 90 -9.24 -5.45 -12.82
CA TRP B 90 -8.02 -5.80 -12.18
C TRP B 90 -7.84 -7.28 -11.94
N GLY B 91 -8.93 -7.97 -11.63
CA GLY B 91 -8.96 -9.38 -11.35
C GLY B 91 -8.24 -9.69 -10.09
N ASN B 92 -7.76 -10.88 -10.01
CA ASN B 92 -6.82 -11.19 -8.96
C ASN B 92 -5.39 -11.28 -9.54
N LEU B 93 -5.07 -10.53 -10.60
CA LEU B 93 -3.72 -10.60 -11.22
C LEU B 93 -2.63 -10.03 -10.31
N VAL B 94 -1.42 -10.52 -10.40
CA VAL B 94 -0.22 -9.85 -9.82
C VAL B 94 0.43 -8.81 -10.77
N TYR B 95 0.49 -7.58 -10.32
CA TYR B 95 0.96 -6.48 -11.05
C TYR B 95 2.36 -6.23 -10.59
N VAL B 96 3.22 -5.96 -11.56
CA VAL B 96 4.64 -5.87 -11.31
C VAL B 96 5.04 -4.39 -11.49
N VAL B 97 5.78 -3.79 -10.56
CA VAL B 97 6.12 -2.40 -10.62
C VAL B 97 7.16 -2.14 -11.69
N ASN B 98 7.00 -1.06 -12.38
CA ASN B 98 8.03 -0.64 -13.29
C ASN B 98 8.85 0.41 -12.60
N TYR B 99 10.16 0.49 -12.91
CA TYR B 99 10.98 1.58 -12.47
C TYR B 99 11.65 2.19 -13.73
N PRO B 100 11.98 3.49 -13.68
CA PRO B 100 12.83 4.07 -14.75
C PRO B 100 14.27 3.47 -14.67
N LYS B 101 14.91 3.15 -15.78
CA LYS B 101 16.38 2.70 -15.81
C LYS B 101 17.28 3.09 -14.64
#